data_1OP2
#
_entry.id   1OP2
#
_cell.length_a   119.430
_cell.length_b   42.830
_cell.length_c   44.940
_cell.angle_alpha   90.00
_cell.angle_beta   99.61
_cell.angle_gamma   90.00
#
_symmetry.space_group_name_H-M   'C 1 2 1'
#
loop_
_entity.id
_entity.type
_entity.pdbx_description
1 polymer 'Venom serine proteinase'
2 non-polymer 2-acetamido-2-deoxy-beta-D-glucopyranose
3 non-polymer 'SULFATE ION'
4 water water
#
_entity_poly.entity_id   1
_entity_poly.type   'polypeptide(L)'
_entity_poly.pdbx_seq_one_letter_code
;VIGGNECDINEHRFLVAFFNTTGFFCGGTLINPEWVVTAAHCDSTNFQMQLGVHSKKVLNEDEQTRNPKEKFICPNKNNN
EVLDKDIMLIKLDKPISNSKHIAPLSLPSSPPSVGSVCRIMGWGSITPVKETFPDVPYCANINLLDHAVCQAGYPELLAE
YRTLCAGIVQGGKDTCGGDSGGPLICNGQFQGIVSYGAHPCGQGPKPGIYTNVFDYTDWIQRNIAGNTDATCPP
;
_entity_poly.pdbx_strand_id   A
#
loop_
_chem_comp.id
_chem_comp.type
_chem_comp.name
_chem_comp.formula
NAG D-saccharide, beta linking 2-acetamido-2-deoxy-beta-D-glucopyranose 'C8 H15 N O6'
SO4 non-polymer 'SULFATE ION' 'O4 S -2'
#
# COMPACT_ATOMS: atom_id res chain seq x y z
N VAL A 1 7.02 -9.53 0.07
CA VAL A 1 7.93 -9.03 -0.99
C VAL A 1 8.94 -10.09 -1.40
N ILE A 2 9.06 -10.29 -2.70
CA ILE A 2 9.97 -11.29 -3.28
C ILE A 2 11.23 -10.63 -3.85
N GLY A 3 12.36 -11.32 -3.77
CA GLY A 3 13.60 -10.79 -4.32
C GLY A 3 14.15 -9.54 -3.65
N GLY A 4 13.83 -9.33 -2.38
CA GLY A 4 14.34 -8.17 -1.69
C GLY A 4 15.23 -8.54 -0.51
N ASN A 5 15.47 -7.56 0.35
CA ASN A 5 16.29 -7.76 1.52
C ASN A 5 15.56 -7.05 2.65
N GLU A 6 15.96 -7.33 3.89
CA GLU A 6 15.33 -6.69 5.03
C GLU A 6 15.47 -5.18 4.87
N CYS A 7 14.38 -4.45 5.07
CA CYS A 7 14.44 -2.99 4.96
C CYS A 7 15.29 -2.42 6.08
N ASP A 8 15.77 -1.21 5.88
CA ASP A 8 16.56 -0.55 6.91
C ASP A 8 15.63 -0.18 8.05
N ILE A 9 16.15 -0.21 9.27
CA ILE A 9 15.37 0.10 10.45
C ILE A 9 14.75 1.50 10.44
N ASN A 10 15.39 2.44 9.76
CA ASN A 10 14.89 3.82 9.70
C ASN A 10 14.31 4.33 8.39
N GLU A 11 14.09 3.45 7.41
CA GLU A 11 13.55 3.91 6.14
C GLU A 11 12.03 3.75 5.93
N HIS A 12 11.31 3.28 6.95
CA HIS A 12 9.86 3.09 6.79
C HIS A 12 9.05 3.58 7.97
N ARG A 13 9.35 4.79 8.44
CA ARG A 13 8.66 5.38 9.58
C ARG A 13 7.17 5.63 9.35
N PHE A 14 6.78 5.64 8.07
CA PHE A 14 5.40 5.88 7.66
C PHE A 14 4.59 4.59 7.38
N LEU A 15 5.27 3.44 7.40
CA LEU A 15 4.62 2.15 7.14
C LEU A 15 3.79 1.64 8.32
N VAL A 16 2.51 1.38 8.05
CA VAL A 16 1.57 0.90 9.07
C VAL A 16 1.20 -0.56 8.85
N ALA A 17 1.09 -1.32 9.94
CA ALA A 17 0.70 -2.72 9.84
C ALA A 17 -0.74 -2.90 10.30
N PHE A 18 -1.56 -3.55 9.48
CA PHE A 18 -2.96 -3.80 9.84
C PHE A 18 -3.05 -5.23 10.34
N PHE A 19 -3.72 -5.42 11.47
CA PHE A 19 -3.85 -6.76 12.03
C PHE A 19 -5.11 -6.97 12.84
N ASN A 20 -5.45 -8.24 13.04
CA ASN A 20 -6.60 -8.61 13.85
C ASN A 20 -6.16 -9.85 14.62
N THR A 21 -7.08 -10.53 15.30
CA THR A 21 -6.71 -11.71 16.06
C THR A 21 -5.91 -12.77 15.31
N THR A 22 -5.91 -12.73 13.98
CA THR A 22 -5.16 -13.71 13.22
C THR A 22 -3.77 -13.21 12.81
N GLY A 23 -3.45 -11.96 13.14
CA GLY A 23 -2.15 -11.43 12.79
C GLY A 23 -2.16 -10.34 11.72
N PHE A 24 -0.99 -10.07 11.16
CA PHE A 24 -0.85 -9.06 10.11
C PHE A 24 -1.54 -9.53 8.84
N PHE A 25 -2.22 -8.63 8.14
CA PHE A 25 -2.88 -9.00 6.90
C PHE A 25 -2.77 -7.95 5.80
N CYS A 26 -2.32 -6.76 6.18
CA CYS A 26 -2.15 -5.65 5.23
C CYS A 26 -1.21 -4.59 5.76
N GLY A 27 -0.77 -3.72 4.86
CA GLY A 27 0.08 -2.63 5.26
C GLY A 27 -0.70 -1.35 5.03
N GLY A 28 -0.11 -0.21 5.36
CA GLY A 28 -0.78 1.06 5.16
C GLY A 28 0.24 2.18 5.21
N THR A 29 -0.20 3.41 4.88
CA THR A 29 0.72 4.54 4.89
C THR A 29 0.19 5.74 5.68
N LEU A 30 0.94 6.16 6.69
CA LEU A 30 0.56 7.32 7.50
C LEU A 30 0.86 8.56 6.66
N ILE A 31 -0.17 9.36 6.35
CA ILE A 31 0.04 10.57 5.53
C ILE A 31 0.04 11.87 6.33
N ASN A 32 -0.42 11.79 7.57
CA ASN A 32 -0.41 12.92 8.49
C ASN A 32 -0.76 12.36 9.87
N PRO A 33 -0.63 13.17 10.93
CA PRO A 33 -0.91 12.75 12.30
C PRO A 33 -2.16 11.90 12.59
N GLU A 34 -3.24 12.13 11.84
CA GLU A 34 -4.48 11.40 12.08
C GLU A 34 -5.02 10.52 10.95
N TRP A 35 -4.36 10.52 9.80
CA TRP A 35 -4.86 9.75 8.68
C TRP A 35 -3.94 8.70 8.08
N VAL A 36 -4.54 7.58 7.71
CA VAL A 36 -3.82 6.47 7.11
C VAL A 36 -4.50 6.07 5.80
N VAL A 37 -3.70 5.74 4.79
CA VAL A 37 -4.23 5.33 3.50
C VAL A 37 -3.83 3.86 3.23
N THR A 38 -4.79 3.07 2.77
CA THR A 38 -4.52 1.65 2.48
C THR A 38 -5.45 1.22 1.35
N ALA A 39 -5.48 -0.08 1.05
CA ALA A 39 -6.34 -0.58 -0.02
C ALA A 39 -7.74 -0.86 0.54
N ALA A 40 -8.76 -0.65 -0.29
CA ALA A 40 -10.13 -0.89 0.13
C ALA A 40 -10.37 -2.37 0.45
N HIS A 41 -9.72 -3.28 -0.29
CA HIS A 41 -9.93 -4.69 -0.02
C HIS A 41 -9.29 -5.19 1.26
N CYS A 42 -8.70 -4.29 2.03
CA CYS A 42 -8.08 -4.65 3.30
C CYS A 42 -9.07 -4.41 4.43
N ASP A 43 -10.20 -3.79 4.11
CA ASP A 43 -11.21 -3.49 5.11
C ASP A 43 -11.77 -4.73 5.78
N SER A 44 -12.00 -4.63 7.09
CA SER A 44 -12.53 -5.73 7.89
C SER A 44 -13.41 -5.13 8.98
N THR A 45 -14.20 -5.97 9.64
CA THR A 45 -15.10 -5.48 10.70
C THR A 45 -14.34 -5.15 11.99
N ASN A 46 -13.30 -5.93 12.29
CA ASN A 46 -12.50 -5.70 13.49
C ASN A 46 -11.00 -5.83 13.23
N PHE A 47 -10.30 -4.71 13.28
CA PHE A 47 -8.86 -4.71 13.08
C PHE A 47 -8.26 -3.51 13.80
N GLN A 48 -6.95 -3.55 13.98
CA GLN A 48 -6.23 -2.47 14.64
C GLN A 48 -5.02 -2.14 13.77
N MET A 49 -4.35 -1.06 14.11
CA MET A 49 -3.18 -0.64 13.36
C MET A 49 -1.99 -0.45 14.29
N GLN A 50 -0.84 -0.96 13.86
CA GLN A 50 0.37 -0.82 14.65
C GLN A 50 1.36 0.07 13.89
N LEU A 51 1.82 1.15 14.53
CA LEU A 51 2.76 2.06 13.90
C LEU A 51 4.11 2.01 14.62
N GLY A 52 5.19 2.24 13.88
CA GLY A 52 6.53 2.22 14.46
C GLY A 52 7.12 0.83 14.59
N VAL A 53 6.55 -0.12 13.85
CA VAL A 53 6.98 -1.51 13.87
C VAL A 53 8.07 -1.89 12.86
N HIS A 54 9.05 -2.68 13.31
CA HIS A 54 10.07 -3.19 12.40
C HIS A 54 10.01 -4.69 12.62
N SER A 55 10.61 -5.17 13.71
CA SER A 55 10.57 -6.60 14.01
C SER A 55 9.30 -6.93 14.79
N LYS A 56 8.71 -8.07 14.50
CA LYS A 56 7.49 -8.51 15.19
C LYS A 56 7.84 -9.26 16.47
N LYS A 57 9.12 -9.58 16.65
CA LYS A 57 9.58 -10.31 17.83
C LYS A 57 10.37 -9.45 18.82
N VAL A 58 11.20 -8.55 18.30
CA VAL A 58 11.97 -7.64 19.13
C VAL A 58 11.28 -6.31 18.89
N LEU A 59 10.52 -5.84 19.87
CA LEU A 59 9.76 -4.61 19.71
C LEU A 59 10.51 -3.30 19.88
N ASN A 60 10.20 -2.34 19.01
CA ASN A 60 10.79 -1.02 19.12
C ASN A 60 10.07 -0.49 20.36
N GLU A 61 10.74 0.35 21.12
CA GLU A 61 10.15 0.88 22.34
C GLU A 61 9.11 1.97 22.09
N ASP A 62 9.11 2.53 20.89
CA ASP A 62 8.16 3.59 20.57
C ASP A 62 6.99 3.15 19.69
N GLU A 63 6.69 1.86 19.69
CA GLU A 63 5.56 1.32 18.92
C GLU A 63 4.25 1.91 19.45
N GLN A 64 3.27 2.11 18.55
CA GLN A 64 1.97 2.66 18.94
C GLN A 64 0.84 1.84 18.32
N THR A 65 -0.26 1.71 19.06
CA THR A 65 -1.44 1.00 18.56
C THR A 65 -2.60 1.98 18.40
N ARG A 66 -3.30 1.90 17.28
CA ARG A 66 -4.44 2.79 17.04
C ARG A 66 -5.63 2.02 16.46
N ASN A 67 -6.83 2.55 16.69
CA ASN A 67 -8.04 1.93 16.20
C ASN A 67 -8.68 2.83 15.14
N PRO A 68 -9.43 2.23 14.20
CA PRO A 68 -10.08 3.01 13.15
C PRO A 68 -11.29 3.77 13.70
N LYS A 69 -11.24 5.09 13.66
CA LYS A 69 -12.35 5.90 14.15
C LYS A 69 -13.38 5.98 13.03
N GLU A 70 -12.92 6.38 11.85
CA GLU A 70 -13.78 6.50 10.68
C GLU A 70 -13.12 5.91 9.44
N LYS A 71 -13.92 5.28 8.58
CA LYS A 71 -13.44 4.67 7.35
C LYS A 71 -14.11 5.37 6.15
N PHE A 72 -13.34 5.62 5.11
CA PHE A 72 -13.87 6.27 3.92
C PHE A 72 -13.56 5.48 2.66
N ILE A 73 -14.62 5.05 1.97
CA ILE A 73 -14.49 4.29 0.73
C ILE A 73 -15.14 5.16 -0.35
N CYS A 74 -14.75 4.99 -1.60
CA CYS A 74 -15.36 5.78 -2.68
C CYS A 74 -16.85 5.50 -2.69
N PRO A 75 -17.67 6.58 -2.71
CA PRO A 75 -19.11 6.36 -2.74
C PRO A 75 -19.56 5.67 -4.02
N ASN A 76 -18.84 5.96 -5.11
CA ASN A 76 -19.18 5.37 -6.40
C ASN A 76 -18.36 4.13 -6.73
N LYS A 77 -18.24 3.22 -5.77
CA LYS A 77 -17.47 2.00 -5.96
C LYS A 77 -18.33 0.75 -6.04
N ASN A 78 -17.95 -0.15 -6.96
CA ASN A 78 -18.65 -1.42 -7.11
C ASN A 78 -17.96 -2.34 -6.09
N ASN A 79 -18.66 -2.66 -5.02
CA ASN A 79 -18.07 -3.49 -3.97
C ASN A 79 -17.83 -4.94 -4.36
N ASN A 80 -18.05 -5.27 -5.63
CA ASN A 80 -17.82 -6.63 -6.12
C ASN A 80 -16.51 -6.73 -6.90
N GLU A 81 -16.13 -5.63 -7.55
CA GLU A 81 -14.89 -5.56 -8.32
C GLU A 81 -13.74 -5.01 -7.47
N VAL A 82 -12.82 -5.91 -7.10
CA VAL A 82 -11.68 -5.55 -6.29
C VAL A 82 -10.79 -4.49 -6.94
N LEU A 83 -10.68 -4.54 -8.26
CA LEU A 83 -9.85 -3.59 -8.97
C LEU A 83 -10.49 -2.22 -9.12
N ASP A 84 -11.77 -2.11 -8.77
CA ASP A 84 -12.46 -0.83 -8.88
C ASP A 84 -12.23 0.07 -7.67
N LYS A 85 -11.52 1.17 -7.90
CA LYS A 85 -11.24 2.15 -6.85
C LYS A 85 -10.79 1.46 -5.56
N ASP A 86 -9.68 0.73 -5.64
CA ASP A 86 -9.17 0.01 -4.48
C ASP A 86 -8.36 0.93 -3.57
N ILE A 87 -9.07 1.79 -2.84
CA ILE A 87 -8.43 2.72 -1.92
C ILE A 87 -9.37 3.00 -0.75
N MET A 88 -8.80 3.10 0.45
CA MET A 88 -9.59 3.39 1.65
C MET A 88 -8.83 4.36 2.55
N LEU A 89 -9.55 5.32 3.10
CA LEU A 89 -8.97 6.33 3.98
C LEU A 89 -9.43 6.06 5.43
N ILE A 90 -8.50 6.07 6.37
CA ILE A 90 -8.84 5.80 7.77
C ILE A 90 -8.44 6.91 8.71
N LYS A 91 -9.39 7.40 9.51
CA LYS A 91 -9.06 8.43 10.48
C LYS A 91 -8.78 7.72 11.81
N LEU A 92 -7.62 7.96 12.39
CA LEU A 92 -7.23 7.30 13.64
C LEU A 92 -8.04 7.79 14.84
N ASP A 93 -8.22 6.91 15.83
CA ASP A 93 -8.98 7.27 17.03
C ASP A 93 -8.26 8.35 17.83
N LYS A 94 -6.93 8.38 17.73
CA LYS A 94 -6.11 9.39 18.41
C LYS A 94 -4.93 9.75 17.51
N PRO A 95 -4.49 11.01 17.55
CA PRO A 95 -3.36 11.49 16.76
C PRO A 95 -2.05 10.81 17.14
N ILE A 96 -1.10 10.85 16.22
CA ILE A 96 0.22 10.27 16.41
C ILE A 96 1.27 11.37 16.44
N SER A 97 2.28 11.22 17.30
CA SER A 97 3.36 12.19 17.41
C SER A 97 4.62 11.58 16.82
N ASN A 98 5.44 12.41 16.17
CA ASN A 98 6.67 11.94 15.58
C ASN A 98 7.62 11.35 16.63
N SER A 99 8.25 10.24 16.29
CA SER A 99 9.20 9.57 17.15
C SER A 99 10.27 8.95 16.27
N LYS A 100 11.22 8.26 16.90
CA LYS A 100 12.31 7.61 16.18
C LYS A 100 11.82 6.82 14.96
N HIS A 101 10.84 5.94 15.19
CA HIS A 101 10.34 5.10 14.11
C HIS A 101 8.95 5.44 13.58
N ILE A 102 8.48 6.66 13.84
CA ILE A 102 7.17 7.09 13.38
C ILE A 102 7.17 8.49 12.79
N ALA A 103 6.67 8.61 11.56
CA ALA A 103 6.59 9.89 10.88
C ALA A 103 5.77 9.70 9.62
N PRO A 104 4.88 10.67 9.30
CA PRO A 104 4.04 10.58 8.09
C PRO A 104 4.78 10.84 6.78
N LEU A 105 4.15 10.44 5.68
CA LEU A 105 4.72 10.63 4.35
C LEU A 105 3.62 11.38 3.60
N SER A 106 3.92 12.57 3.09
CA SER A 106 2.91 13.35 2.39
C SER A 106 2.41 12.74 1.09
N LEU A 107 1.26 13.23 0.64
CA LEU A 107 0.63 12.79 -0.60
C LEU A 107 1.51 13.25 -1.76
N PRO A 108 1.44 12.57 -2.91
CA PRO A 108 2.28 12.98 -4.05
C PRO A 108 1.91 14.36 -4.59
N SER A 109 2.92 15.10 -5.02
CA SER A 109 2.71 16.44 -5.56
C SER A 109 2.77 16.45 -7.08
N SER A 110 3.21 15.33 -7.65
CA SER A 110 3.31 15.21 -9.10
C SER A 110 3.01 13.78 -9.53
N PRO A 111 2.51 13.59 -10.77
CA PRO A 111 2.18 12.27 -11.30
C PRO A 111 3.43 11.42 -11.53
N PRO A 112 3.29 10.09 -11.44
CA PRO A 112 4.43 9.20 -11.65
C PRO A 112 4.95 9.25 -13.09
N SER A 113 6.19 8.86 -13.28
CA SER A 113 6.80 8.85 -14.61
C SER A 113 7.30 7.45 -14.96
N VAL A 114 6.81 6.92 -16.07
CA VAL A 114 7.21 5.58 -16.51
C VAL A 114 8.72 5.47 -16.63
N GLY A 115 9.27 4.37 -16.12
CA GLY A 115 10.71 4.16 -16.17
C GLY A 115 11.34 4.54 -14.85
N SER A 116 10.57 5.25 -14.02
CA SER A 116 11.05 5.68 -12.73
C SER A 116 11.35 4.48 -11.84
N VAL A 117 12.32 4.62 -10.94
CA VAL A 117 12.66 3.54 -10.01
C VAL A 117 11.77 3.69 -8.78
N CYS A 118 11.12 2.60 -8.37
CA CYS A 118 10.23 2.64 -7.20
C CYS A 118 10.65 1.59 -6.18
N ARG A 119 10.23 1.78 -4.93
CA ARG A 119 10.58 0.85 -3.88
C ARG A 119 9.32 0.27 -3.24
N ILE A 120 9.33 -1.03 -3.00
CA ILE A 120 8.18 -1.69 -2.36
C ILE A 120 8.63 -2.24 -1.00
N MET A 121 7.67 -2.40 -0.09
CA MET A 121 7.98 -2.87 1.25
C MET A 121 6.76 -3.50 1.91
N GLY A 122 7.00 -4.44 2.83
CA GLY A 122 5.91 -5.08 3.52
C GLY A 122 6.32 -6.33 4.29
N TRP A 123 5.38 -6.86 5.06
CA TRP A 123 5.62 -8.06 5.84
C TRP A 123 4.97 -9.25 5.10
N GLY A 124 4.75 -9.07 3.80
CA GLY A 124 4.16 -10.12 3.00
C GLY A 124 5.13 -11.28 2.73
N SER A 125 4.62 -12.35 2.16
CA SER A 125 5.43 -13.53 1.86
C SER A 125 6.71 -13.24 1.08
N ILE A 126 7.81 -13.85 1.51
CA ILE A 126 9.08 -13.67 0.84
C ILE A 126 9.39 -14.84 -0.11
N THR A 127 8.43 -15.74 -0.28
CA THR A 127 8.57 -16.87 -1.22
C THR A 127 7.41 -16.78 -2.21
N PRO A 128 7.70 -16.94 -3.52
CA PRO A 128 6.74 -16.87 -4.62
C PRO A 128 5.54 -17.84 -4.69
N VAL A 129 5.76 -19.08 -4.31
CA VAL A 129 4.68 -20.07 -4.36
C VAL A 129 4.15 -20.31 -2.94
N LYS A 130 4.96 -21.01 -2.15
CA LYS A 130 4.61 -21.29 -0.76
C LYS A 130 4.62 -19.95 -0.01
N GLU A 131 3.86 -19.85 1.07
CA GLU A 131 3.82 -18.60 1.82
C GLU A 131 4.78 -18.64 3.00
N THR A 132 5.69 -17.66 3.03
CA THR A 132 6.68 -17.54 4.09
C THR A 132 6.67 -16.09 4.56
N PHE A 133 6.10 -15.86 5.73
CA PHE A 133 6.01 -14.51 6.29
C PHE A 133 7.17 -14.19 7.22
N PRO A 134 7.87 -13.09 6.96
CA PRO A 134 9.02 -12.66 7.77
C PRO A 134 8.63 -11.93 9.05
N ASP A 135 9.59 -11.83 9.97
CA ASP A 135 9.38 -11.14 11.22
C ASP A 135 9.75 -9.67 11.06
N VAL A 136 10.42 -9.38 9.95
CA VAL A 136 10.85 -8.02 9.63
C VAL A 136 10.35 -7.69 8.23
N PRO A 137 10.10 -6.41 7.95
CA PRO A 137 9.62 -6.07 6.60
C PRO A 137 10.73 -6.15 5.56
N TYR A 138 10.41 -6.63 4.37
CA TYR A 138 11.40 -6.72 3.30
C TYR A 138 11.17 -5.59 2.30
N CYS A 139 12.25 -5.16 1.65
CA CYS A 139 12.24 -4.08 0.67
C CYS A 139 12.89 -4.51 -0.64
N ALA A 140 12.44 -3.90 -1.74
CA ALA A 140 12.98 -4.20 -3.06
C ALA A 140 12.73 -3.01 -3.99
N ASN A 141 13.64 -2.83 -4.95
CA ASN A 141 13.53 -1.76 -5.94
C ASN A 141 13.01 -2.34 -7.25
N ILE A 142 12.04 -1.67 -7.86
CA ILE A 142 11.49 -2.10 -9.13
C ILE A 142 11.28 -0.87 -10.00
N ASN A 143 10.72 -1.05 -11.19
CA ASN A 143 10.49 0.07 -12.10
C ASN A 143 9.02 0.28 -12.44
N LEU A 144 8.68 1.53 -12.73
CA LEU A 144 7.31 1.86 -13.11
C LEU A 144 7.26 1.50 -14.59
N LEU A 145 6.37 0.58 -14.96
CA LEU A 145 6.24 0.12 -16.33
C LEU A 145 5.12 0.77 -17.11
N ASP A 146 5.16 0.62 -18.43
CA ASP A 146 4.11 1.15 -19.29
C ASP A 146 2.83 0.39 -18.95
N HIS A 147 1.74 1.13 -18.80
CA HIS A 147 0.45 0.52 -18.47
C HIS A 147 0.04 -0.62 -19.40
N ALA A 148 0.45 -0.53 -20.66
CA ALA A 148 0.13 -1.56 -21.66
C ALA A 148 0.63 -2.93 -21.23
N VAL A 149 1.71 -2.97 -20.46
CA VAL A 149 2.28 -4.22 -20.00
C VAL A 149 1.30 -4.97 -19.11
N CYS A 150 0.75 -4.28 -18.11
CA CYS A 150 -0.19 -4.92 -17.21
C CYS A 150 -1.49 -5.26 -17.95
N GLN A 151 -1.89 -4.37 -18.86
CA GLN A 151 -3.11 -4.59 -19.65
C GLN A 151 -3.01 -5.90 -20.43
N ALA A 152 -1.85 -6.16 -21.01
CA ALA A 152 -1.68 -7.39 -21.78
C ALA A 152 -1.60 -8.62 -20.88
N GLY A 153 -1.18 -8.41 -19.64
CA GLY A 153 -1.05 -9.53 -18.72
C GLY A 153 -2.29 -9.89 -17.91
N TYR A 154 -3.23 -8.95 -17.79
CA TYR A 154 -4.44 -9.21 -17.02
C TYR A 154 -5.71 -8.86 -17.79
N PRO A 155 -6.48 -9.88 -18.19
CA PRO A 155 -7.72 -9.64 -18.94
C PRO A 155 -8.74 -8.90 -18.10
N GLU A 156 -8.69 -9.11 -16.79
CA GLU A 156 -9.61 -8.45 -15.87
C GLU A 156 -9.34 -6.98 -15.69
N LEU A 157 -8.13 -6.54 -16.06
CA LEU A 157 -7.77 -5.14 -15.89
C LEU A 157 -8.43 -4.21 -16.90
N LEU A 158 -9.48 -3.52 -16.47
CA LEU A 158 -10.18 -2.58 -17.32
C LEU A 158 -9.43 -1.27 -17.39
N ALA A 159 -9.43 -0.64 -18.56
CA ALA A 159 -8.74 0.63 -18.75
C ALA A 159 -9.28 1.75 -17.87
N GLU A 160 -10.51 1.61 -17.39
CA GLU A 160 -11.10 2.64 -16.55
C GLU A 160 -10.56 2.67 -15.14
N TYR A 161 -9.98 1.55 -14.68
CA TYR A 161 -9.43 1.53 -13.33
C TYR A 161 -8.20 2.43 -13.33
N ARG A 162 -8.07 3.27 -12.32
CA ARG A 162 -6.94 4.18 -12.24
C ARG A 162 -5.82 3.46 -11.51
N THR A 163 -4.98 2.77 -12.26
CA THR A 163 -3.90 2.00 -11.69
C THR A 163 -2.52 2.24 -12.29
N LEU A 164 -1.50 1.72 -11.62
CA LEU A 164 -0.12 1.84 -12.07
C LEU A 164 0.41 0.42 -12.25
N CYS A 165 1.40 0.27 -13.13
CA CYS A 165 1.99 -1.02 -13.44
C CYS A 165 3.46 -0.97 -13.02
N ALA A 166 3.87 -1.84 -12.09
CA ALA A 166 5.25 -1.84 -11.63
C ALA A 166 5.85 -3.23 -11.40
N GLY A 167 7.11 -3.36 -11.81
CA GLY A 167 7.88 -4.59 -11.68
C GLY A 167 9.15 -4.48 -12.50
N ILE A 168 9.71 -5.63 -12.90
CA ILE A 168 10.91 -5.67 -13.74
C ILE A 168 10.70 -6.72 -14.82
N VAL A 169 11.07 -6.40 -16.06
CA VAL A 169 10.86 -7.30 -17.18
C VAL A 169 11.42 -8.72 -17.04
N GLN A 170 12.56 -8.88 -16.40
CA GLN A 170 13.12 -10.22 -16.25
C GLN A 170 12.45 -10.98 -15.10
N GLY A 171 11.65 -10.27 -14.30
CA GLY A 171 10.97 -10.90 -13.18
C GLY A 171 11.86 -11.06 -11.95
N GLY A 172 11.35 -11.69 -10.91
CA GLY A 172 12.15 -11.90 -9.72
C GLY A 172 11.95 -11.00 -8.51
N LYS A 173 11.35 -9.83 -8.71
CA LYS A 173 11.08 -8.89 -7.62
C LYS A 173 9.63 -8.47 -7.76
N ASP A 174 8.85 -8.59 -6.68
CA ASP A 174 7.43 -8.26 -6.76
C ASP A 174 6.83 -8.29 -5.36
N THR A 175 5.62 -7.78 -5.21
CA THR A 175 4.96 -7.82 -3.91
C THR A 175 4.27 -9.17 -3.93
N CYS A 176 3.88 -9.67 -2.76
CA CYS A 176 3.25 -10.97 -2.71
C CYS A 176 2.17 -10.97 -1.62
N GLY A 177 1.62 -12.15 -1.34
CA GLY A 177 0.58 -12.27 -0.33
C GLY A 177 0.90 -11.56 0.98
N GLY A 178 0.03 -10.63 1.39
CA GLY A 178 0.24 -9.91 2.63
C GLY A 178 0.82 -8.51 2.50
N ASP A 179 1.22 -8.11 1.29
CA ASP A 179 1.77 -6.77 1.11
C ASP A 179 0.70 -5.74 0.74
N SER A 180 -0.49 -6.22 0.43
CA SER A 180 -1.59 -5.35 0.04
C SER A 180 -1.78 -4.17 0.98
N GLY A 181 -2.11 -3.01 0.41
CA GLY A 181 -2.33 -1.82 1.21
C GLY A 181 -1.08 -0.99 1.43
N GLY A 182 0.09 -1.60 1.25
CA GLY A 182 1.35 -0.90 1.44
C GLY A 182 1.67 0.12 0.38
N PRO A 183 2.67 0.98 0.61
CA PRO A 183 3.04 2.00 -0.37
C PRO A 183 4.01 1.61 -1.48
N LEU A 184 3.89 2.33 -2.58
CA LEU A 184 4.75 2.20 -3.73
C LEU A 184 5.41 3.57 -3.73
N ILE A 185 6.72 3.62 -3.52
CA ILE A 185 7.42 4.89 -3.47
C ILE A 185 8.32 5.07 -4.69
N CYS A 186 8.01 6.08 -5.51
CA CYS A 186 8.80 6.36 -6.70
C CYS A 186 9.33 7.78 -6.59
N ASN A 187 10.60 7.96 -6.94
CA ASN A 187 11.24 9.26 -6.86
C ASN A 187 11.00 9.86 -5.46
N GLY A 188 10.99 9.00 -4.45
CA GLY A 188 10.80 9.46 -3.09
C GLY A 188 9.37 9.86 -2.73
N GLN A 189 8.43 9.67 -3.65
CA GLN A 189 7.04 10.03 -3.41
C GLN A 189 6.10 8.84 -3.28
N PHE A 190 5.07 9.03 -2.48
CA PHE A 190 4.02 8.02 -2.25
C PHE A 190 3.15 8.05 -3.50
N GLN A 191 3.45 7.18 -4.46
CA GLN A 191 2.72 7.14 -5.73
C GLN A 191 1.66 6.05 -5.88
N GLY A 192 1.76 4.97 -5.12
CA GLY A 192 0.79 3.90 -5.25
C GLY A 192 0.46 3.06 -4.03
N ILE A 193 -0.57 2.25 -4.16
CA ILE A 193 -1.03 1.38 -3.09
C ILE A 193 -1.03 -0.06 -3.62
N VAL A 194 -0.38 -0.99 -2.90
CA VAL A 194 -0.34 -2.38 -3.35
C VAL A 194 -1.77 -2.86 -3.46
N SER A 195 -2.19 -3.22 -4.67
CA SER A 195 -3.56 -3.64 -4.88
C SER A 195 -3.81 -5.03 -5.44
N TYR A 196 -3.08 -5.38 -6.50
CA TYR A 196 -3.34 -6.65 -7.16
C TYR A 196 -2.08 -7.23 -7.83
N GLY A 197 -2.08 -8.55 -7.99
CA GLY A 197 -0.96 -9.22 -8.61
C GLY A 197 -1.36 -10.66 -8.89
N ALA A 198 -0.42 -11.47 -9.37
CA ALA A 198 -0.71 -12.87 -9.67
C ALA A 198 0.10 -13.83 -8.79
N HIS A 199 -0.24 -15.12 -8.89
CA HIS A 199 0.44 -16.18 -8.15
C HIS A 199 0.77 -17.33 -9.09
N PRO A 200 2.01 -17.83 -9.03
CA PRO A 200 3.06 -17.35 -8.14
C PRO A 200 3.47 -15.91 -8.40
N CYS A 201 4.11 -15.31 -7.38
CA CYS A 201 4.57 -13.94 -7.44
C CYS A 201 5.87 -13.81 -8.23
N GLY A 202 6.13 -12.64 -8.80
CA GLY A 202 7.37 -12.42 -9.53
C GLY A 202 7.48 -12.80 -10.99
N GLN A 203 6.37 -13.13 -11.64
CA GLN A 203 6.42 -13.48 -13.05
C GLN A 203 6.66 -12.23 -13.90
N GLY A 204 7.60 -12.32 -14.83
CA GLY A 204 7.89 -11.18 -15.68
C GLY A 204 6.69 -10.61 -16.44
N PRO A 205 5.87 -11.46 -17.07
CA PRO A 205 4.71 -10.97 -17.81
C PRO A 205 3.50 -10.52 -16.97
N LYS A 206 3.58 -10.69 -15.66
CA LYS A 206 2.48 -10.29 -14.80
C LYS A 206 2.97 -9.41 -13.67
N PRO A 207 3.32 -8.15 -13.96
CA PRO A 207 3.81 -7.25 -12.92
C PRO A 207 2.72 -6.89 -11.92
N GLY A 208 3.10 -6.13 -10.89
CA GLY A 208 2.13 -5.74 -9.88
C GLY A 208 1.26 -4.60 -10.34
N ILE A 209 0.05 -4.55 -9.80
CA ILE A 209 -0.91 -3.50 -10.12
C ILE A 209 -1.08 -2.69 -8.84
N TYR A 210 -0.94 -1.37 -8.96
CA TYR A 210 -1.06 -0.48 -7.82
C TYR A 210 -2.08 0.61 -8.08
N THR A 211 -2.77 1.04 -7.04
CA THR A 211 -3.76 2.10 -7.16
C THR A 211 -3.03 3.41 -7.39
N ASN A 212 -3.47 4.18 -8.38
CA ASN A 212 -2.84 5.46 -8.68
C ASN A 212 -3.26 6.49 -7.62
N VAL A 213 -2.41 6.72 -6.63
CA VAL A 213 -2.73 7.66 -5.55
C VAL A 213 -2.94 9.11 -6.00
N PHE A 214 -2.11 9.59 -6.91
CA PHE A 214 -2.22 10.98 -7.39
C PHE A 214 -3.63 11.36 -7.86
N ASP A 215 -4.28 10.43 -8.56
CA ASP A 215 -5.63 10.68 -9.07
C ASP A 215 -6.69 10.86 -7.98
N TYR A 216 -6.39 10.45 -6.75
CA TYR A 216 -7.35 10.56 -5.66
C TYR A 216 -7.01 11.62 -4.63
N THR A 217 -5.90 12.34 -4.82
CA THR A 217 -5.50 13.35 -3.84
C THR A 217 -6.59 14.38 -3.55
N ASP A 218 -7.37 14.76 -4.56
CA ASP A 218 -8.44 15.72 -4.37
C ASP A 218 -9.49 15.14 -3.41
N TRP A 219 -9.98 13.95 -3.73
CA TRP A 219 -10.98 13.28 -2.90
C TRP A 219 -10.48 13.12 -1.47
N ILE A 220 -9.22 12.76 -1.30
CA ILE A 220 -8.65 12.57 0.02
C ILE A 220 -8.65 13.90 0.80
N GLN A 221 -8.08 14.93 0.20
CA GLN A 221 -8.03 16.23 0.86
C GLN A 221 -9.41 16.79 1.21
N ARG A 222 -10.41 16.50 0.38
CA ARG A 222 -11.77 16.95 0.65
C ARG A 222 -12.37 16.22 1.84
N ASN A 223 -12.05 14.94 1.98
CA ASN A 223 -12.55 14.15 3.11
C ASN A 223 -11.87 14.61 4.39
N ILE A 224 -10.59 14.92 4.30
CA ILE A 224 -9.83 15.38 5.45
C ILE A 224 -10.33 16.76 5.88
N ALA A 225 -10.69 17.58 4.89
CA ALA A 225 -11.19 18.93 5.15
C ALA A 225 -12.56 18.90 5.81
N GLY A 226 -13.29 17.80 5.67
CA GLY A 226 -14.59 17.72 6.30
C GLY A 226 -15.80 17.53 5.39
N ASN A 227 -15.58 17.37 4.09
CA ASN A 227 -16.70 17.18 3.18
C ASN A 227 -17.32 15.80 3.39
N THR A 228 -16.46 14.78 3.40
CA THR A 228 -16.89 13.40 3.60
C THR A 228 -18.09 13.05 2.73
N ASP A 229 -18.34 13.88 1.72
CA ASP A 229 -19.45 13.69 0.80
C ASP A 229 -18.91 13.57 -0.63
N ALA A 230 -17.79 14.22 -0.87
CA ALA A 230 -17.14 14.22 -2.19
C ALA A 230 -17.09 12.83 -2.82
N THR A 231 -17.10 12.81 -4.14
CA THR A 231 -17.05 11.56 -4.89
C THR A 231 -15.65 11.39 -5.47
N CYS A 232 -15.32 10.15 -5.81
CA CYS A 232 -14.02 9.84 -6.39
C CYS A 232 -14.04 10.02 -7.89
N PRO A 233 -12.86 10.17 -8.51
CA PRO A 233 -12.85 10.33 -9.96
C PRO A 233 -13.48 9.06 -10.53
N PRO A 234 -14.27 9.18 -11.60
CA PRO A 234 -14.91 8.01 -12.20
C PRO A 234 -13.95 7.05 -12.87
C1 NAG B . -8.45 -10.51 9.73
C2 NAG B . -9.42 -11.66 9.47
C3 NAG B . -9.06 -12.30 8.13
C4 NAG B . -9.20 -11.23 7.04
C5 NAG B . -8.35 -9.99 7.37
C6 NAG B . -8.62 -8.85 6.41
C7 NAG B . -10.36 -12.60 11.47
C8 NAG B . -10.14 -13.41 12.74
N2 NAG B . -9.40 -12.62 10.56
O3 NAG B . -9.91 -13.40 7.86
O4 NAG B . -8.79 -11.77 5.79
O5 NAG B . -8.64 -9.51 8.70
O6 NAG B . -9.90 -8.96 5.80
O7 NAG B . -11.40 -11.96 11.34
S SO4 C . 11.23 14.28 12.31
O1 SO4 C . 10.61 13.47 11.23
O2 SO4 C . 10.84 15.69 12.14
O3 SO4 C . 12.70 14.17 12.21
O4 SO4 C . 10.79 13.80 13.62
#